data_6ZUH
#
_entry.id   6ZUH
#
_cell.length_a   70.091
_cell.length_b   71.054
_cell.length_c   72.620
_cell.angle_alpha   90.000
_cell.angle_beta   100.510
_cell.angle_gamma   90.000
#
_symmetry.space_group_name_H-M   'C 1 2 1'
#
loop_
_entity.id
_entity.type
_entity.pdbx_description
1 polymer Prothrombin
2 polymer Prothrombin
3 polymer Hirudin-2
4 non-polymer [2-[(3-chlorophenyl)methylamino]-7-methoxy-1,3-benzoxazol-5-yl]-(2,2-dimethylmorpholin-4-yl)methanone
5 non-polymer 2-acetamido-2-deoxy-beta-D-glucopyranose
6 non-polymer 'DIMETHYL SULFOXIDE'
7 water water
#
loop_
_entity_poly.entity_id
_entity_poly.type
_entity_poly.pdbx_seq_one_letter_code
_entity_poly.pdbx_strand_id
1 'polypeptide(L)' TFGSGEADCGLRPLFEKKSLEDKTERELLESYIDGR L
2 'polypeptide(L)'
;IVEGSDAEIGMSPWQVMLFRKSPQELLCGASLISDRWVLTAAHCLLYPPWDKNFTENDLLVRIGKHSRTRYERNIEKISM
LEKIYIHPRYNWRENLDRDIALMKLKKPVAFSDYIHPVCLPDRETAASLLQAGYKGRVTGWGNLKETWTANVGKGQPSVL
QVVNLPIVERPVCKDSTRIRITDNMFCAGYKPDEGKRGDACEGDSGGPFVMKSPFNNRWYQMGIVSWGEGCDRDGKYGFY
THVFRLKKWIQKVIDQFGE
;
H
3 'polypeptide(L)' GDFEEIPEE(TYS)L I
#
# COMPACT_ATOMS: atom_id res chain seq x y z
N ALA A 7 3.59 -4.64 19.36
CA ALA A 7 3.24 -6.02 19.83
C ALA A 7 1.85 -6.42 19.31
N ASP A 8 1.03 -5.40 19.04
CA ASP A 8 -0.36 -5.55 18.61
C ASP A 8 -0.52 -5.31 17.09
N CYS A 9 0.59 -5.25 16.36
CA CYS A 9 0.54 -4.94 14.93
C CYS A 9 -0.32 -5.95 14.20
N GLY A 10 -1.04 -5.51 13.16
CA GLY A 10 -1.67 -6.44 12.23
C GLY A 10 -2.94 -7.08 12.76
N LEU A 11 -3.39 -6.65 13.94
CA LEU A 11 -4.67 -7.14 14.50
C LEU A 11 -5.66 -5.99 14.50
N ARG A 12 -6.70 -6.11 13.69
CA ARG A 12 -7.60 -4.95 13.48
C ARG A 12 -8.60 -4.84 14.61
N PRO A 13 -8.79 -3.62 15.14
CA PRO A 13 -9.76 -3.40 16.22
C PRO A 13 -11.15 -3.91 15.88
N LEU A 14 -11.59 -3.74 14.63
CA LEU A 14 -12.98 -4.10 14.27
C LEU A 14 -13.13 -5.52 13.72
N PHE A 15 -12.00 -6.21 13.62
CA PHE A 15 -11.99 -7.60 13.09
C PHE A 15 -11.33 -8.57 14.06
N GLU A 16 -10.02 -8.81 13.94
CA GLU A 16 -9.33 -9.78 14.82
C GLU A 16 -9.55 -9.52 16.30
N LYS A 17 -9.46 -8.23 16.70
CA LYS A 17 -9.65 -7.87 18.12
C LYS A 17 -11.01 -8.30 18.71
N LYS A 18 -12.03 -8.32 17.86
CA LYS A 18 -13.40 -8.73 18.22
C LYS A 18 -13.73 -10.14 17.75
N SER A 19 -12.76 -10.85 17.18
CA SER A 19 -13.00 -12.14 16.50
C SER A 19 -14.14 -12.09 15.46
N LEU A 20 -14.12 -11.04 14.65
CA LEU A 20 -14.99 -10.93 13.48
C LEU A 20 -14.15 -11.02 12.24
N GLU A 21 -14.68 -11.66 11.21
CA GLU A 21 -13.97 -11.82 9.93
C GLU A 21 -14.55 -10.87 8.90
N ASP A 22 -13.68 -10.32 8.05
CA ASP A 22 -14.18 -9.53 6.92
C ASP A 22 -14.72 -10.46 5.81
N LYS A 23 -15.35 -9.86 4.80
CA LYS A 23 -16.10 -10.63 3.80
C LYS A 23 -15.24 -11.50 2.86
N THR A 24 -13.97 -11.17 2.70
CA THR A 24 -13.12 -11.87 1.72
C THR A 24 -11.81 -12.45 2.28
N GLU A 25 -11.58 -12.36 3.58
CA GLU A 25 -10.33 -12.89 4.10
C GLU A 25 -10.22 -14.41 3.96
N ARG A 26 -11.36 -15.10 3.95
CA ARG A 26 -11.35 -16.55 3.69
C ARG A 26 -10.77 -16.86 2.30
N GLU A 27 -11.01 -16.00 1.30
CA GLU A 27 -10.38 -16.18 -0.01
C GLU A 27 -8.83 -16.27 0.11
N LEU A 28 -8.25 -15.40 0.94
CA LEU A 28 -6.81 -15.44 1.17
C LEU A 28 -6.40 -16.76 1.85
N LEU A 29 -7.08 -17.11 2.93
CA LEU A 29 -6.77 -18.34 3.66
C LEU A 29 -6.84 -19.56 2.74
N GLU A 30 -7.88 -19.63 1.92
CA GLU A 30 -8.04 -20.80 1.00
C GLU A 30 -6.89 -20.90 -0.03
N SER A 31 -6.24 -19.77 -0.34
CA SER A 31 -5.13 -19.75 -1.30
C SER A 31 -3.83 -20.20 -0.65
N TYR A 32 -3.80 -20.26 0.68
CA TYR A 32 -2.56 -20.64 1.38
C TYR A 32 -2.55 -22.14 1.55
N ILE A 33 -2.10 -22.83 0.51
CA ILE A 33 -2.42 -24.27 0.31
C ILE A 33 -1.39 -25.20 0.95
N ILE B 1 -7.92 1.44 -7.73
CA ILE B 1 -8.09 -0.04 -7.84
C ILE B 1 -9.12 -0.34 -8.91
N VAL B 2 -8.74 -1.22 -9.84
CA VAL B 2 -9.64 -1.66 -10.91
C VAL B 2 -10.26 -2.98 -10.54
N GLU B 3 -11.58 -3.08 -10.73
CA GLU B 3 -12.33 -4.34 -10.55
C GLU B 3 -12.24 -4.87 -9.10
N GLY B 4 -12.12 -3.94 -8.15
CA GLY B 4 -12.19 -4.26 -6.74
C GLY B 4 -13.59 -3.99 -6.20
N SER B 5 -13.68 -3.84 -4.89
CA SER B 5 -14.95 -3.58 -4.20
C SER B 5 -14.73 -2.53 -3.12
N ASP B 6 -15.82 -1.95 -2.59
CA ASP B 6 -15.70 -1.03 -1.46
C ASP B 6 -15.15 -1.74 -0.25
N ALA B 7 -14.17 -1.11 0.41
CA ALA B 7 -13.69 -1.57 1.74
C ALA B 7 -14.82 -1.61 2.78
N GLU B 8 -14.75 -2.60 3.68
CA GLU B 8 -15.55 -2.52 4.92
C GLU B 8 -14.96 -1.48 5.87
N ILE B 9 -15.79 -0.96 6.76
CA ILE B 9 -15.30 0.01 7.76
C ILE B 9 -14.26 -0.67 8.65
N GLY B 10 -13.12 -0.01 8.84
CA GLY B 10 -12.01 -0.56 9.64
C GLY B 10 -11.32 -1.76 9.04
N MET B 11 -11.56 -2.03 7.75
CA MET B 11 -10.96 -3.19 7.07
C MET B 11 -9.43 -3.09 6.91
N SER B 12 -8.94 -1.86 6.73
CA SER B 12 -7.54 -1.62 6.43
C SER B 12 -7.08 -0.42 7.24
N PRO B 13 -6.99 -0.59 8.58
CA PRO B 13 -6.78 0.55 9.49
C PRO B 13 -5.36 1.11 9.44
N TRP B 14 -4.45 0.40 8.79
CA TRP B 14 -3.11 0.92 8.46
C TRP B 14 -3.09 1.75 7.17
N GLN B 15 -4.21 1.86 6.44
CA GLN B 15 -4.21 2.60 5.17
C GLN B 15 -3.91 4.06 5.41
N VAL B 16 -2.99 4.61 4.62
CA VAL B 16 -2.68 6.02 4.74
C VAL B 16 -2.91 6.64 3.36
N MET B 17 -3.50 7.82 3.36
CA MET B 17 -3.59 8.66 2.17
C MET B 17 -2.50 9.73 2.23
N LEU B 18 -1.68 9.79 1.17
CA LEU B 18 -0.77 10.92 1.02
C LEU B 18 -1.52 11.97 0.20
N PHE B 19 -1.62 13.17 0.77
CA PHE B 19 -2.48 14.24 0.29
C PHE B 19 -1.64 15.48 -0.01
N ARG B 20 -1.69 15.92 -1.27
CA ARG B 20 -0.93 17.09 -1.67
C ARG B 20 -1.66 18.36 -1.27
N LYS B 21 -0.88 19.41 -1.06
CA LYS B 21 -1.45 20.69 -0.64
C LYS B 21 -2.07 21.69 -1.63
N SER B 22 -1.47 22.06 -2.81
CA SER B 22 -1.79 23.44 -3.26
C SER B 22 -0.90 22.35 -3.95
N PRO B 23 -1.64 21.74 -4.89
CA PRO B 23 -3.11 21.81 -5.04
C PRO B 23 -3.67 20.57 -4.36
N GLN B 24 -4.87 20.70 -3.79
CA GLN B 24 -5.46 19.63 -2.98
C GLN B 24 -5.84 18.41 -3.84
N GLU B 25 -5.05 17.32 -3.73
CA GLU B 25 -5.25 16.12 -4.53
C GLU B 25 -4.66 14.85 -3.90
N LEU B 26 -5.10 13.69 -4.37
CA LEU B 26 -4.51 12.42 -3.94
C LEU B 26 -3.11 12.35 -4.51
N LEU B 27 -2.11 12.17 -3.64
CA LEU B 27 -0.73 11.95 -4.12
C LEU B 27 -0.35 10.49 -4.33
N CYS B 28 -0.82 9.63 -3.44
CA CYS B 28 -0.38 8.24 -3.36
C CYS B 28 -1.00 7.58 -2.15
N GLY B 29 -0.88 6.25 -2.10
CA GLY B 29 -1.16 5.55 -0.88
C GLY B 29 0.10 5.39 -0.07
N ALA B 30 -0.08 4.78 1.08
CA ALA B 30 0.98 4.58 2.05
C ALA B 30 0.37 3.71 3.16
N SER B 31 1.21 3.37 4.15
CA SER B 31 0.72 2.53 5.25
C SER B 31 1.33 2.93 6.58
N LEU B 32 0.60 2.68 7.67
CA LEU B 32 1.07 3.05 9.00
C LEU B 32 1.79 1.85 9.59
N ILE B 33 3.05 2.02 9.99
CA ILE B 33 3.81 0.88 10.53
C ILE B 33 4.17 1.00 12.02
N SER B 34 3.95 2.20 12.57
CA SER B 34 4.06 2.46 14.01
C SER B 34 3.37 3.78 14.27
N ASP B 35 3.41 4.27 15.51
CA ASP B 35 2.73 5.54 15.77
C ASP B 35 3.45 6.75 15.13
N ARG B 36 4.68 6.56 14.64
CA ARG B 36 5.47 7.70 14.10
C ARG B 36 5.94 7.48 12.66
N TRP B 37 5.79 6.25 12.14
CA TRP B 37 6.39 5.92 10.83
C TRP B 37 5.35 5.47 9.79
N VAL B 38 5.47 6.03 8.59
CA VAL B 38 4.62 5.69 7.45
C VAL B 38 5.49 5.18 6.27
N LEU B 39 5.07 4.08 5.67
CA LEU B 39 5.77 3.45 4.54
C LEU B 39 5.07 3.78 3.22
N THR B 40 5.84 4.06 2.19
CA THR B 40 5.26 4.31 0.86
C THR B 40 6.25 3.86 -0.24
N ALA B 41 5.90 4.14 -1.49
CA ALA B 41 6.82 3.96 -2.62
C ALA B 41 7.64 5.24 -2.83
N ALA B 42 8.95 5.08 -3.05
CA ALA B 42 9.83 6.23 -3.33
C ALA B 42 9.30 7.08 -4.49
N HIS B 43 8.75 6.44 -5.53
CA HIS B 43 8.32 7.20 -6.70
C HIS B 43 7.12 8.14 -6.45
N CYS B 44 6.38 7.87 -5.37
CA CYS B 44 5.37 8.81 -4.88
C CYS B 44 5.97 10.15 -4.48
N LEU B 45 7.23 10.15 -4.06
CA LEU B 45 7.89 11.37 -3.59
C LEU B 45 8.94 11.91 -4.53
N LEU B 46 9.70 11.01 -5.16
CA LEU B 46 10.75 11.44 -6.06
C LEU B 46 10.65 10.68 -7.36
N TYR B 47 10.34 11.39 -8.43
CA TYR B 47 10.35 10.75 -9.77
C TYR B 47 10.61 11.79 -10.87
N PRO B 48 11.89 12.07 -11.13
CA PRO B 48 12.30 13.15 -12.09
C PRO B 48 11.68 13.08 -13.50
N PRO B 49 11.42 11.87 -14.07
CA PRO B 49 10.80 11.85 -15.40
C PRO B 49 9.42 12.50 -15.46
N TRP B 50 8.73 12.48 -14.31
CA TRP B 50 7.43 13.15 -14.19
C TRP B 50 7.47 14.47 -13.41
N ASP B 51 8.68 15.04 -13.23
CA ASP B 51 8.90 16.25 -12.41
C ASP B 51 8.29 16.16 -11.01
N LYS B 52 8.45 15.00 -10.39
CA LYS B 52 7.94 14.79 -9.03
C LYS B 52 9.14 14.86 -8.10
N ASN B 53 9.08 15.78 -7.15
CA ASN B 53 10.13 15.92 -6.14
C ASN B 53 9.54 16.64 -4.92
N PHE B 54 8.76 15.91 -4.13
CA PHE B 54 8.05 16.47 -3.00
C PHE B 54 8.93 16.53 -1.76
N THR B 55 8.86 17.68 -1.09
CA THR B 55 9.53 17.90 0.19
C THR B 55 8.49 17.71 1.32
N GLU B 56 8.95 17.64 2.56
CA GLU B 56 8.08 17.41 3.73
C GLU B 56 6.88 18.34 3.81
N ASN B 57 7.10 19.63 3.53
CA ASN B 57 6.00 20.60 3.67
C ASN B 57 4.97 20.59 2.54
N ASP B 58 5.21 19.81 1.49
CA ASP B 58 4.30 19.71 0.36
C ASP B 58 3.08 18.84 0.60
N LEU B 59 3.17 17.99 1.63
CA LEU B 59 2.31 16.79 1.78
C LEU B 59 1.77 16.73 3.19
N LEU B 60 0.58 16.12 3.31
CA LEU B 60 0.03 15.67 4.58
C LEU B 60 -0.24 14.17 4.54
N VAL B 61 -0.26 13.59 5.73
CA VAL B 61 -0.59 12.20 5.93
C VAL B 61 -2.00 12.17 6.56
N ARG B 62 -2.93 11.44 5.93
CA ARG B 62 -4.31 11.29 6.42
C ARG B 62 -4.59 9.82 6.69
N ILE B 63 -4.87 9.53 7.96
CA ILE B 63 -4.94 8.14 8.45
C ILE B 63 -6.34 7.94 9.01
N GLY B 64 -6.85 6.72 8.91
CA GLY B 64 -8.17 6.37 9.42
C GLY B 64 -9.29 6.66 8.45
N LYS B 65 -8.94 6.87 7.17
CA LYS B 65 -9.92 7.32 6.17
C LYS B 65 -10.69 6.16 5.53
N HIS B 66 -11.87 6.47 5.02
CA HIS B 66 -12.67 5.56 4.22
C HIS B 66 -13.13 6.32 2.96
N SER B 67 -13.89 7.39 3.15
CA SER B 67 -14.27 8.24 2.03
C SER B 67 -13.02 8.86 1.43
N ARG B 68 -12.93 8.87 0.11
CA ARG B 68 -11.81 9.50 -0.63
C ARG B 68 -11.76 11.02 -0.37
N THR B 69 -12.86 11.71 -0.65
CA THR B 69 -12.84 13.19 -0.71
C THR B 69 -13.27 13.92 0.56
N ARG B 70 -14.04 13.28 1.44
CA ARG B 70 -14.61 13.98 2.59
C ARG B 70 -13.58 14.17 3.69
N TYR B 71 -13.75 15.22 4.48
CA TYR B 71 -13.00 15.35 5.69
C TYR B 71 -13.76 14.62 6.81
N GLU B 72 -13.17 13.55 7.29
CA GLU B 72 -13.87 12.54 8.11
C GLU B 72 -13.69 12.88 9.58
N ARG B 73 -14.41 13.95 9.96
CA ARG B 73 -14.33 14.58 11.25
C ARG B 73 -14.54 13.53 12.34
N ASN B 74 -13.66 13.54 13.35
CA ASN B 74 -13.71 12.62 14.51
C ASN B 74 -13.30 11.20 14.17
N ILE B 75 -12.87 10.94 12.93
CA ILE B 75 -12.46 9.60 12.52
C ILE B 75 -11.03 9.65 11.99
N GLU B 76 -10.84 10.42 10.93
CA GLU B 76 -9.51 10.50 10.37
C GLU B 76 -8.61 11.40 11.23
N LYS B 77 -7.30 11.16 11.14
CA LYS B 77 -6.31 12.03 11.75
C LYS B 77 -5.35 12.51 10.67
N ILE B 78 -5.00 13.79 10.75
CA ILE B 78 -4.14 14.41 9.74
C ILE B 78 -2.80 14.76 10.39
N SER B 79 -1.72 14.25 9.79
CA SER B 79 -0.35 14.37 10.34
C SER B 79 0.60 15.11 9.41
N MET B 80 1.46 15.93 10.02
CA MET B 80 2.52 16.62 9.29
C MET B 80 3.77 15.72 9.23
N LEU B 81 4.54 15.84 8.16
CA LEU B 81 5.82 15.15 8.04
C LEU B 81 7.01 15.88 8.67
N GLU B 82 7.75 15.14 9.50
CA GLU B 82 9.04 15.59 10.03
C GLU B 82 10.14 15.42 8.98
N LYS B 83 10.25 14.22 8.41
CA LYS B 83 11.36 13.90 7.49
C LYS B 83 10.97 12.75 6.58
N ILE B 84 11.38 12.88 5.32
CA ILE B 84 11.26 11.83 4.33
C ILE B 84 12.61 11.13 4.22
N TYR B 85 12.59 9.80 4.07
CA TYR B 85 13.82 9.00 3.86
C TYR B 85 13.57 8.10 2.68
N ILE B 86 14.32 8.32 1.61
CA ILE B 86 14.14 7.50 0.40
C ILE B 86 15.33 6.53 0.34
N HIS B 87 15.08 5.29 -0.08
CA HIS B 87 16.18 4.32 -0.21
C HIS B 87 17.31 4.92 -1.07
N PRO B 88 18.58 4.91 -0.57
CA PRO B 88 19.64 5.50 -1.39
C PRO B 88 19.92 4.78 -2.71
N ARG B 89 19.44 3.56 -2.87
CA ARG B 89 19.67 2.83 -4.12
C ARG B 89 18.37 2.62 -4.91
N TYR B 90 17.35 3.42 -4.56
CA TYR B 90 16.16 3.55 -5.38
C TYR B 90 16.52 3.94 -6.82
N ASN B 91 16.07 3.11 -7.75
CA ASN B 91 16.42 3.27 -9.17
C ASN B 91 15.27 3.96 -9.94
N TRP B 92 15.19 5.28 -9.81
CA TRP B 92 14.18 6.01 -10.59
C TRP B 92 14.57 6.12 -12.08
N ARG B 93 15.86 5.99 -12.39
CA ARG B 93 16.32 6.14 -13.78
C ARG B 93 15.77 5.04 -14.68
N GLU B 94 15.62 3.86 -14.11
CA GLU B 94 15.34 2.69 -14.92
C GLU B 94 14.02 2.08 -14.51
N ASN B 95 14.06 1.04 -13.67
CA ASN B 95 12.93 0.13 -13.50
C ASN B 95 12.22 0.24 -12.15
N LEU B 96 12.47 1.32 -11.40
CA LEU B 96 11.93 1.48 -10.02
C LEU B 96 12.36 0.38 -9.04
N ASP B 97 13.55 -0.16 -9.25
CA ASP B 97 14.15 -1.07 -8.27
C ASP B 97 14.21 -0.37 -6.90
N ARG B 98 13.80 -1.08 -5.84
CA ARG B 98 13.83 -0.56 -4.45
C ARG B 98 12.93 0.66 -4.33
N ASP B 99 11.70 0.52 -4.85
CA ASP B 99 10.73 1.61 -4.83
C ASP B 99 10.14 1.71 -3.43
N ILE B 100 10.85 2.40 -2.52
CA ILE B 100 10.47 2.39 -1.10
C ILE B 100 10.95 3.66 -0.43
N ALA B 101 10.11 4.20 0.43
CA ALA B 101 10.51 5.36 1.24
C ALA B 101 9.81 5.33 2.57
N LEU B 102 10.40 6.00 3.57
CA LEU B 102 9.77 6.12 4.89
C LEU B 102 9.51 7.60 5.16
N MET B 103 8.47 7.88 5.95
CA MET B 103 8.19 9.24 6.41
C MET B 103 7.99 9.20 7.92
N LYS B 104 8.76 10.02 8.66
CA LYS B 104 8.53 10.14 10.10
C LYS B 104 7.57 11.28 10.34
N LEU B 105 6.53 11.04 11.16
CA LEU B 105 5.54 12.05 11.51
C LEU B 105 6.07 12.99 12.58
N LYS B 106 5.60 14.23 12.56
CA LYS B 106 5.98 15.21 13.57
C LYS B 106 5.54 14.83 14.98
N LYS B 107 4.36 14.22 15.08
CA LYS B 107 3.76 13.84 16.35
C LYS B 107 3.24 12.40 16.23
N PRO B 108 3.26 11.64 17.33
CA PRO B 108 2.68 10.29 17.24
C PRO B 108 1.17 10.35 17.03
N VAL B 109 0.66 9.47 16.17
CA VAL B 109 -0.79 9.36 15.93
C VAL B 109 -1.38 8.46 17.01
N ALA B 110 -2.54 8.82 17.55
CA ALA B 110 -3.25 7.93 18.48
C ALA B 110 -3.97 6.82 17.73
N PHE B 111 -3.78 5.57 18.17
CA PHE B 111 -4.46 4.46 17.51
C PHE B 111 -5.94 4.51 17.91
N SER B 112 -6.80 3.96 17.06
CA SER B 112 -8.24 3.90 17.32
C SER B 112 -8.81 2.68 16.62
N ASP B 113 -10.14 2.58 16.61
CA ASP B 113 -10.80 1.53 15.80
C ASP B 113 -10.44 1.60 14.30
N TYR B 114 -10.07 2.79 13.84
CA TYR B 114 -9.87 3.07 12.42
C TYR B 114 -8.40 3.26 12.06
N ILE B 115 -7.53 3.27 13.07
CA ILE B 115 -6.12 3.64 12.91
C ILE B 115 -5.32 2.63 13.69
N HIS B 116 -4.50 1.84 12.98
CA HIS B 116 -3.79 0.72 13.62
C HIS B 116 -2.69 0.24 12.70
N PRO B 117 -1.51 -0.07 13.23
CA PRO B 117 -0.40 -0.41 12.35
C PRO B 117 -0.43 -1.83 11.85
N VAL B 118 0.14 -2.00 10.65
CA VAL B 118 0.33 -3.32 10.04
C VAL B 118 1.66 -3.88 10.48
N CYS B 119 1.80 -5.21 10.47
CA CYS B 119 3.12 -5.81 10.75
C CYS B 119 4.00 -5.84 9.52
N LEU B 120 5.32 -5.78 9.74
CA LEU B 120 6.30 -6.07 8.70
C LEU B 120 6.82 -7.50 8.85
N PRO B 121 7.02 -8.22 7.73
CA PRO B 121 7.40 -9.64 7.75
C PRO B 121 8.82 -9.84 8.23
N ASP B 122 9.09 -10.97 8.87
CA ASP B 122 10.46 -11.39 9.04
C ASP B 122 10.78 -12.43 7.95
N ARG B 123 11.98 -13.02 7.98
CA ARG B 123 12.39 -13.96 6.93
C ARG B 123 11.41 -15.11 6.79
N GLU B 124 10.95 -15.61 7.93
CA GLU B 124 10.08 -16.79 7.99
C GLU B 124 8.70 -16.49 7.38
N THR B 125 8.14 -15.33 7.71
CA THR B 125 6.89 -14.85 7.10
C THR B 125 6.97 -14.81 5.59
N ALA B 126 8.03 -14.17 5.07
CA ALA B 126 8.25 -14.07 3.63
C ALA B 126 8.37 -15.46 3.01
N ALA B 127 9.12 -16.35 3.67
CA ALA B 127 9.39 -17.65 3.09
C ALA B 127 8.10 -18.48 3.04
N SER B 128 7.29 -18.39 4.09
CA SER B 128 6.01 -19.11 4.17
C SER B 128 4.95 -18.60 3.20
N LEU B 129 4.87 -17.29 3.04
CA LEU B 129 3.71 -16.68 2.36
C LEU B 129 3.94 -16.19 0.94
N LEU B 130 5.18 -15.81 0.62
CA LEU B 130 5.44 -15.24 -0.73
C LEU B 130 5.63 -16.32 -1.76
N GLN B 131 4.53 -16.97 -2.08
CA GLN B 131 4.57 -18.13 -2.95
C GLN B 131 3.56 -17.92 -4.04
N ALA B 132 3.91 -18.36 -5.25
CA ALA B 132 3.00 -18.27 -6.39
C ALA B 132 1.65 -18.91 -6.06
N GLY B 133 0.58 -18.19 -6.35
CA GLY B 133 -0.78 -18.65 -6.11
C GLY B 133 -1.37 -18.17 -4.79
N TYR B 134 -0.51 -17.87 -3.80
CA TYR B 134 -0.99 -17.33 -2.51
C TYR B 134 -1.47 -15.90 -2.79
N LYS B 135 -2.64 -15.56 -2.25
CA LYS B 135 -3.23 -14.24 -2.50
C LYS B 135 -2.92 -13.23 -1.41
N GLY B 136 -2.69 -11.99 -1.82
CA GLY B 136 -2.65 -10.86 -0.92
C GLY B 136 -3.76 -9.88 -1.27
N ARG B 137 -3.77 -8.77 -0.54
CA ARG B 137 -4.82 -7.81 -0.65
C ARG B 137 -4.23 -6.42 -0.90
N VAL B 138 -4.76 -5.73 -1.90
CA VAL B 138 -4.29 -4.39 -2.29
C VAL B 138 -5.44 -3.42 -2.07
N THR B 139 -5.12 -2.27 -1.49
CA THR B 139 -6.13 -1.27 -1.16
C THR B 139 -5.67 0.13 -1.61
N GLY B 140 -6.62 0.97 -1.95
CA GLY B 140 -6.28 2.35 -2.31
C GLY B 140 -7.46 3.16 -2.86
N TRP B 141 -7.22 4.47 -3.06
CA TRP B 141 -8.26 5.39 -3.57
C TRP B 141 -7.96 5.80 -4.99
N GLY B 142 -7.11 5.01 -5.64
CA GLY B 142 -6.69 5.31 -7.02
C GLY B 142 -7.80 5.07 -8.02
N ASN B 143 -7.48 5.32 -9.29
CA ASN B 143 -8.45 5.24 -10.36
C ASN B 143 -9.13 3.88 -10.47
N LEU B 144 -10.42 3.89 -10.81
CA LEU B 144 -11.19 2.67 -11.06
C LEU B 144 -10.94 2.03 -12.43
N LYS B 145 -10.35 2.81 -13.36
CA LYS B 145 -10.09 2.34 -14.71
C LYS B 145 -8.81 2.99 -15.21
N GLU B 146 -8.14 2.30 -16.13
CA GLU B 146 -6.92 2.85 -16.72
C GLU B 146 -7.10 4.25 -17.35
N THR B 147 -8.19 4.45 -18.09
CA THR B 147 -8.38 5.70 -18.85
C THR B 147 -9.71 6.39 -18.57
N GLY B 155 -14.83 6.57 -12.84
CA GLY B 155 -13.47 7.11 -12.84
C GLY B 155 -12.75 7.01 -11.50
N GLN B 156 -13.16 7.84 -10.54
CA GLN B 156 -12.57 7.79 -9.18
C GLN B 156 -13.57 7.29 -8.10
N PRO B 157 -13.09 6.55 -7.08
CA PRO B 157 -14.05 5.93 -6.12
C PRO B 157 -14.54 6.87 -5.04
N SER B 158 -15.76 6.62 -4.56
CA SER B 158 -16.27 7.35 -3.39
C SER B 158 -15.53 6.93 -2.14
N VAL B 159 -15.27 5.62 -1.98
CA VAL B 159 -14.61 5.10 -0.78
C VAL B 159 -13.43 4.19 -1.11
N LEU B 160 -12.58 3.93 -0.11
CA LEU B 160 -11.44 3.01 -0.24
C LEU B 160 -11.83 1.71 -0.97
N GLN B 161 -10.99 1.32 -1.93
CA GLN B 161 -11.24 0.09 -2.70
C GLN B 161 -10.29 -1.04 -2.29
N VAL B 162 -10.77 -2.27 -2.43
CA VAL B 162 -10.01 -3.45 -2.01
C VAL B 162 -10.08 -4.49 -3.12
N VAL B 163 -8.98 -5.18 -3.37
CA VAL B 163 -8.94 -6.31 -4.30
C VAL B 163 -7.94 -7.37 -3.79
N ASN B 164 -8.34 -8.62 -3.90
CA ASN B 164 -7.45 -9.72 -3.53
C ASN B 164 -6.88 -10.33 -4.81
N LEU B 165 -5.54 -10.54 -4.84
CA LEU B 165 -4.82 -10.93 -6.07
C LEU B 165 -3.79 -11.97 -5.74
N PRO B 166 -3.62 -12.97 -6.64
CA PRO B 166 -2.60 -14.00 -6.40
C PRO B 166 -1.19 -13.57 -6.81
N ILE B 167 -0.21 -14.02 -6.04
CA ILE B 167 1.20 -13.82 -6.39
C ILE B 167 1.46 -14.70 -7.61
N VAL B 168 2.27 -14.19 -8.55
CA VAL B 168 2.53 -14.90 -9.81
C VAL B 168 3.97 -15.44 -9.83
N GLU B 169 4.18 -16.58 -10.48
CA GLU B 169 5.53 -17.17 -10.69
C GLU B 169 6.50 -16.17 -11.32
N ARG B 170 7.74 -16.11 -10.80
CA ARG B 170 8.74 -15.13 -11.27
C ARG B 170 8.94 -15.16 -12.82
N PRO B 171 9.02 -16.36 -13.43
CA PRO B 171 9.20 -16.38 -14.89
C PRO B 171 8.02 -15.76 -15.67
N VAL B 172 6.80 -15.99 -15.19
CA VAL B 172 5.61 -15.42 -15.80
C VAL B 172 5.65 -13.89 -15.67
N CYS B 173 5.98 -13.39 -14.47
CA CYS B 173 6.18 -11.95 -14.26
C CYS B 173 7.17 -11.37 -15.30
N LYS B 174 8.34 -11.98 -15.41
CA LYS B 174 9.39 -11.54 -16.33
C LYS B 174 8.93 -11.56 -17.79
N ASP B 175 8.21 -12.62 -18.16
CA ASP B 175 7.77 -12.84 -19.55
C ASP B 175 6.60 -11.94 -19.97
N SER B 176 6.03 -11.20 -19.01
CA SER B 176 4.88 -10.31 -19.27
C SER B 176 5.33 -8.91 -19.69
N THR B 177 6.64 -8.66 -19.65
CA THR B 177 7.16 -7.29 -19.78
C THR B 177 8.53 -7.29 -20.42
N ARG B 178 8.93 -6.14 -20.96
CA ARG B 178 10.29 -5.94 -21.43
C ARG B 178 11.17 -5.30 -20.36
N ILE B 179 10.56 -4.84 -19.27
CA ILE B 179 11.28 -4.18 -18.18
C ILE B 179 12.05 -5.25 -17.40
N ARG B 180 13.29 -4.93 -16.99
CA ARG B 180 14.09 -5.79 -16.10
C ARG B 180 13.46 -5.89 -14.70
N ILE B 181 13.12 -7.12 -14.33
CA ILE B 181 12.48 -7.39 -13.04
C ILE B 181 13.53 -7.90 -12.06
N THR B 182 13.68 -7.21 -10.93
CA THR B 182 14.70 -7.58 -9.95
C THR B 182 14.14 -8.44 -8.82
N ASP B 183 15.04 -9.01 -8.02
CA ASP B 183 14.69 -9.78 -6.81
C ASP B 183 14.01 -8.93 -5.73
N ASN B 184 14.09 -7.61 -5.86
CA ASN B 184 13.39 -6.69 -4.94
C ASN B 184 11.94 -6.39 -5.32
N MET B 185 11.44 -7.09 -6.33
CA MET B 185 10.08 -6.95 -6.86
C MET B 185 9.44 -8.32 -6.89
N PHE B 186 8.11 -8.35 -6.72
CA PHE B 186 7.31 -9.51 -7.10
C PHE B 186 6.08 -9.02 -7.88
N CYS B 187 5.42 -9.90 -8.62
CA CYS B 187 4.24 -9.45 -9.32
C CYS B 187 3.02 -10.25 -8.89
N ALA B 188 1.85 -9.64 -9.09
CA ALA B 188 0.60 -10.25 -8.68
C ALA B 188 -0.51 -9.88 -9.65
N GLY B 189 -1.54 -10.73 -9.69
CA GLY B 189 -2.74 -10.49 -10.51
C GLY B 189 -3.14 -11.78 -11.20
N TYR B 190 -4.34 -11.79 -11.78
CA TYR B 190 -4.83 -12.96 -12.48
C TYR B 190 -4.32 -13.02 -13.92
N LYS B 191 -4.18 -14.26 -14.39
CA LYS B 191 -3.85 -14.56 -15.79
C LYS B 191 -5.14 -14.46 -16.62
N PRO B 192 -5.03 -14.20 -17.94
CA PRO B 192 -6.20 -14.21 -18.83
C PRO B 192 -7.09 -15.45 -18.71
N ASP B 193 -6.53 -16.65 -18.63
CA ASP B 193 -7.41 -17.82 -18.54
C ASP B 193 -8.07 -18.04 -17.16
N GLU B 194 -7.58 -17.33 -16.14
CA GLU B 194 -8.18 -17.42 -14.78
C GLU B 194 -9.56 -16.75 -14.65
N GLY B 195 -9.98 -15.99 -15.66
CA GLY B 195 -11.29 -15.32 -15.66
C GLY B 195 -11.38 -14.06 -14.80
N LYS B 196 -10.98 -14.16 -13.53
CA LYS B 196 -11.06 -13.05 -12.57
C LYS B 196 -10.07 -11.93 -12.92
N ARG B 197 -10.34 -10.74 -12.39
CA ARG B 197 -9.66 -9.53 -12.81
C ARG B 197 -9.26 -8.75 -11.57
N GLY B 198 -8.60 -7.62 -11.79
CA GLY B 198 -8.25 -6.75 -10.67
C GLY B 198 -6.81 -6.28 -10.71
N ASP B 199 -6.59 -5.06 -10.24
CA ASP B 199 -5.26 -4.46 -10.29
C ASP B 199 -5.30 -3.18 -9.51
N ALA B 200 -4.13 -2.67 -9.19
CA ALA B 200 -3.99 -1.28 -8.78
C ALA B 200 -4.08 -0.40 -10.01
N CYS B 201 -4.14 0.91 -9.76
CA CYS B 201 -4.07 1.89 -10.85
C CYS B 201 -3.55 3.22 -10.32
N GLU B 202 -3.51 4.25 -11.19
CA GLU B 202 -2.97 5.58 -10.84
C GLU B 202 -3.55 6.08 -9.52
N GLY B 203 -2.70 6.46 -8.58
CA GLY B 203 -3.14 6.92 -7.27
C GLY B 203 -3.02 5.87 -6.17
N ASP B 204 -2.82 4.60 -6.56
CA ASP B 204 -2.66 3.50 -5.61
C ASP B 204 -1.23 3.20 -5.24
N SER B 205 -0.25 3.73 -6.00
CA SER B 205 1.17 3.45 -5.67
C SER B 205 1.48 3.90 -4.26
N GLY B 206 2.39 3.17 -3.62
CA GLY B 206 2.72 3.46 -2.22
C GLY B 206 1.85 2.73 -1.19
N GLY B 207 0.66 2.29 -1.61
CA GLY B 207 -0.22 1.55 -0.72
C GLY B 207 0.29 0.12 -0.47
N PRO B 208 -0.38 -0.60 0.43
CA PRO B 208 0.08 -1.92 0.89
C PRO B 208 -0.50 -3.09 0.09
N PHE B 209 0.33 -4.12 -0.11
CA PHE B 209 -0.09 -5.46 -0.48
C PHE B 209 0.07 -6.28 0.80
N VAL B 210 -1.06 -6.72 1.38
CA VAL B 210 -1.00 -7.38 2.68
C VAL B 210 -1.47 -8.81 2.57
N MET B 211 -1.01 -9.65 3.50
CA MET B 211 -1.43 -11.05 3.60
C MET B 211 -1.68 -11.37 5.08
N LYS B 212 -2.65 -12.23 5.34
CA LYS B 212 -3.01 -12.58 6.71
C LYS B 212 -2.35 -13.90 7.03
N SER B 213 -1.37 -13.88 7.92
CA SER B 213 -0.66 -15.12 8.22
C SER B 213 -1.65 -16.14 8.81
N PRO B 214 -1.67 -17.36 8.24
CA PRO B 214 -2.54 -18.38 8.84
C PRO B 214 -1.91 -19.02 10.10
N PHE B 215 -0.66 -18.65 10.40
CA PHE B 215 0.07 -19.16 11.57
C PHE B 215 -0.26 -18.38 12.84
N ASN B 216 -0.30 -17.05 12.72
CA ASN B 216 -0.58 -16.22 13.90
C ASN B 216 -1.76 -15.28 13.77
N ASN B 217 -2.46 -15.38 12.63
CA ASN B 217 -3.63 -14.58 12.29
C ASN B 217 -3.47 -13.07 12.38
N ARG B 218 -2.26 -12.62 12.02
CA ARG B 218 -1.91 -11.20 11.90
C ARG B 218 -1.71 -10.84 10.43
N TRP B 219 -2.01 -9.59 10.11
CA TRP B 219 -1.76 -9.02 8.79
C TRP B 219 -0.36 -8.46 8.70
N TYR B 220 0.32 -8.86 7.63
CA TYR B 220 1.69 -8.45 7.28
C TYR B 220 1.71 -7.75 5.94
N GLN B 221 2.42 -6.62 5.88
CA GLN B 221 2.62 -5.95 4.61
C GLN B 221 3.80 -6.57 3.84
N MET B 222 3.46 -7.36 2.84
CA MET B 222 4.47 -8.08 2.07
C MET B 222 4.98 -7.24 0.91
N GLY B 223 4.12 -6.36 0.39
CA GLY B 223 4.49 -5.56 -0.81
C GLY B 223 4.09 -4.11 -0.68
N ILE B 224 4.69 -3.29 -1.54
CA ILE B 224 4.24 -1.91 -1.71
C ILE B 224 3.82 -1.79 -3.17
N VAL B 225 2.63 -1.25 -3.41
CA VAL B 225 2.19 -1.00 -4.77
C VAL B 225 3.21 -0.12 -5.51
N SER B 226 3.81 -0.66 -6.58
CA SER B 226 4.84 0.08 -7.30
C SER B 226 4.33 0.46 -8.69
N TRP B 227 4.36 -0.45 -9.66
CA TRP B 227 3.99 -0.05 -11.04
C TRP B 227 3.34 -1.16 -11.85
N GLY B 228 2.59 -0.74 -12.87
CA GLY B 228 2.05 -1.63 -13.89
C GLY B 228 2.02 -0.99 -15.26
N GLU B 229 1.91 -1.82 -16.28
CA GLU B 229 1.87 -1.31 -17.65
C GLU B 229 0.39 -1.14 -17.96
N GLY B 230 -0.08 0.07 -17.69
CA GLY B 230 -1.52 0.37 -17.71
C GLY B 230 -2.12 -0.15 -16.42
N CYS B 231 -3.41 -0.47 -16.44
CA CYS B 231 -4.05 -1.07 -15.27
C CYS B 231 -5.02 -2.16 -15.72
N ASP B 232 -4.91 -3.33 -15.08
CA ASP B 232 -5.80 -4.48 -15.28
C ASP B 232 -5.83 -4.96 -16.73
N ARG B 233 -4.70 -4.87 -17.42
CA ARG B 233 -4.65 -5.34 -18.81
C ARG B 233 -4.41 -6.83 -18.84
N ASP B 234 -5.08 -7.51 -19.78
CA ASP B 234 -4.88 -8.95 -19.98
C ASP B 234 -3.41 -9.21 -20.27
N GLY B 235 -2.83 -10.14 -19.52
CA GLY B 235 -1.44 -10.56 -19.74
C GLY B 235 -0.43 -9.66 -19.05
N LYS B 236 -0.89 -8.60 -18.39
CA LYS B 236 -0.03 -7.75 -17.57
C LYS B 236 -0.26 -8.03 -16.09
N TYR B 237 0.69 -7.64 -15.26
CA TYR B 237 0.59 -7.83 -13.82
C TYR B 237 0.98 -6.56 -13.10
N GLY B 238 0.62 -6.46 -11.83
CA GLY B 238 1.15 -5.39 -10.98
C GLY B 238 2.45 -5.81 -10.36
N PHE B 239 3.37 -4.85 -10.21
CA PHE B 239 4.68 -5.08 -9.62
C PHE B 239 4.77 -4.37 -8.29
N TYR B 240 5.25 -5.12 -7.29
CA TYR B 240 5.23 -4.69 -5.92
C TYR B 240 6.63 -4.72 -5.34
N THR B 241 6.96 -3.71 -4.52
CA THR B 241 8.23 -3.74 -3.82
C THR B 241 8.21 -4.85 -2.76
N HIS B 242 9.26 -5.68 -2.73
CA HIS B 242 9.37 -6.84 -1.83
C HIS B 242 9.82 -6.28 -0.47
N VAL B 243 8.87 -6.11 0.45
CA VAL B 243 9.19 -5.41 1.71
C VAL B 243 10.27 -6.15 2.51
N PHE B 244 10.15 -7.48 2.61
CA PHE B 244 11.13 -8.20 3.39
C PHE B 244 12.57 -8.02 2.88
N ARG B 245 12.74 -8.03 1.56
CA ARG B 245 14.08 -7.88 0.99
C ARG B 245 14.68 -6.52 1.35
N LEU B 246 13.83 -5.53 1.64
CA LEU B 246 14.31 -4.17 1.98
C LEU B 246 14.21 -3.85 3.49
N LYS B 247 13.96 -4.87 4.31
CA LYS B 247 13.74 -4.64 5.73
C LYS B 247 15.00 -4.20 6.50
N LYS B 248 16.17 -4.67 6.07
CA LYS B 248 17.42 -4.16 6.67
C LYS B 248 17.52 -2.64 6.60
N TRP B 249 17.19 -2.08 5.42
CA TRP B 249 17.12 -0.64 5.24
C TRP B 249 16.07 -0.01 6.15
N ILE B 250 14.85 -0.56 6.18
CA ILE B 250 13.77 -0.09 7.06
C ILE B 250 14.28 -0.01 8.51
N GLN B 251 14.80 -1.14 9.00
CA GLN B 251 15.34 -1.26 10.36
C GLN B 251 16.44 -0.23 10.60
N LYS B 252 17.34 -0.07 9.64
CA LYS B 252 18.44 0.89 9.78
C LYS B 252 17.96 2.31 9.99
N VAL B 253 16.98 2.72 9.17
CA VAL B 253 16.42 4.07 9.23
C VAL B 253 15.67 4.30 10.55
N ILE B 254 14.80 3.37 10.94
CA ILE B 254 14.06 3.53 12.19
C ILE B 254 15.02 3.51 13.40
N ASP B 255 16.06 2.66 13.36
CA ASP B 255 17.00 2.58 14.49
C ASP B 255 17.82 3.86 14.65
N GLN B 256 18.21 4.48 13.53
CA GLN B 256 19.02 5.70 13.56
C GLN B 256 18.19 6.93 13.90
N PHE B 257 17.00 7.04 13.30
CA PHE B 257 16.22 8.28 13.37
C PHE B 257 15.00 8.22 14.30
N GLY C 1 -12.20 22.35 -6.41
CA GLY C 1 -11.70 21.24 -5.55
C GLY C 1 -12.69 20.10 -5.39
N ASP C 2 -12.27 18.91 -5.81
CA ASP C 2 -13.01 17.67 -5.54
C ASP C 2 -12.95 17.29 -4.07
N PHE C 3 -11.89 17.70 -3.38
CA PHE C 3 -11.69 17.33 -1.99
C PHE C 3 -12.32 18.35 -1.08
N GLU C 4 -13.02 17.89 -0.05
CA GLU C 4 -13.55 18.77 0.97
C GLU C 4 -12.40 19.43 1.71
N GLU C 5 -12.61 20.70 2.06
CA GLU C 5 -11.63 21.50 2.80
C GLU C 5 -11.29 20.86 4.12
N ILE C 6 -10.02 21.01 4.46
CA ILE C 6 -9.39 20.46 5.64
C ILE C 6 -9.31 21.60 6.66
N PRO C 7 -9.51 21.30 7.98
CA PRO C 7 -9.41 22.35 8.99
C PRO C 7 -8.06 23.09 8.89
N GLU C 8 -8.10 24.41 9.05
CA GLU C 8 -6.94 25.28 8.78
C GLU C 8 -5.70 24.95 9.63
N GLU C 9 -5.92 24.36 10.82
CA GLU C 9 -4.84 23.89 11.70
C GLU C 9 -3.84 22.93 11.05
N LEU C 11 -2.97 23.07 7.91
CA LEU C 11 -2.32 23.78 6.80
C LEU C 11 -1.29 24.78 7.31
#